data_5RZP
#
_entry.id   5RZP
#
_cell.length_a   38.530
_cell.length_b   77.470
_cell.length_c   99.710
_cell.angle_alpha   90.000
_cell.angle_beta   90.000
_cell.angle_gamma   90.000
#
_symmetry.space_group_name_H-M   'P 21 21 21'
#
loop_
_entity.id
_entity.type
_entity.pdbx_description
1 polymer 'Isoform 2 of Band 4.1-like protein 3'
2 non-polymer ~{N}-(2-azanyl-2-oxidanylidene-ethyl)-4-methoxy-benzamide
3 non-polymer 'DIMETHYL SULFOXIDE'
4 non-polymer 1,2-ETHANEDIOL
5 water water
#
_entity_poly.entity_id   1
_entity_poly.type   'polypeptide(L)'
_entity_poly.pdbx_seq_one_letter_code
;SMPKSMQCKVILLDGSEYTCDVEKRSRGQVLFDKVCEHLNLLEKDYFGLTYRDAENQKNWLDPAKEIKKQVRSGAWHFSF
NVKFYPPDPAQLSEDITRYYLCLQLRDDIVSGRLPCSFVTLALLGSYTVQSELGDYDPDECGSDYISEFRFAPNHTKELE
DKVIELHKSHRGMTPAEAEMHFLENAKKLSMYGVDLHHAKDSEGVEIMLGVCASGLLIYRDRLRINRFAWPKVLKISYKR
NNFYIKIRPGEFEQFESTIGFKLPNHRAAKRLWKVCVEHHTFFRLL
;
_entity_poly.pdbx_strand_id   A
#
loop_
_chem_comp.id
_chem_comp.type
_chem_comp.name
_chem_comp.formula
DMS non-polymer 'DIMETHYL SULFOXIDE' 'C2 H6 O S'
EDO non-polymer 1,2-ETHANEDIOL 'C2 H6 O2'
ONQ non-polymer ~{N}-(2-azanyl-2-oxidanylidene-ethyl)-4-methoxy-benzamide 'C10 H12 N2 O3'
#
# COMPACT_ATOMS: atom_id res chain seq x y z
N PRO A 3 15.86 13.92 29.75
CA PRO A 3 14.72 13.72 28.83
C PRO A 3 14.76 12.30 28.22
N LYS A 4 13.82 11.44 28.62
CA LYS A 4 13.92 9.99 28.38
C LYS A 4 13.51 9.65 26.94
N SER A 5 14.33 8.81 26.29
N SER A 5 14.37 8.87 26.29
CA SER A 5 14.20 8.45 24.87
CA SER A 5 14.23 8.42 24.88
C SER A 5 13.97 6.94 24.71
C SER A 5 13.71 6.98 24.86
N MET A 6 13.14 6.58 23.73
CA MET A 6 12.76 5.17 23.45
C MET A 6 13.38 4.84 22.11
N GLN A 7 13.96 3.65 22.03
CA GLN A 7 14.56 3.14 20.80
C GLN A 7 13.42 2.72 19.85
N CYS A 8 13.51 3.12 18.60
CA CYS A 8 12.52 2.80 17.53
C CYS A 8 13.21 1.97 16.48
N LYS A 9 12.60 0.87 16.08
CA LYS A 9 13.12 0.06 14.96
C LYS A 9 12.09 0.09 13.83
N VAL A 10 12.53 0.45 12.64
CA VAL A 10 11.65 0.61 11.45
C VAL A 10 12.16 -0.29 10.36
N ILE A 11 11.31 -1.21 9.87
CA ILE A 11 11.65 -2.03 8.69
C ILE A 11 11.40 -1.16 7.46
N LEU A 12 12.45 -0.95 6.67
CA LEU A 12 12.37 -0.09 5.46
C LEU A 12 11.90 -0.95 4.29
N LEU A 13 11.56 -0.31 3.17
CA LEU A 13 10.96 -1.08 2.08
C LEU A 13 12.01 -1.94 1.38
N ASP A 14 13.32 -1.68 1.56
CA ASP A 14 14.35 -2.58 1.00
C ASP A 14 14.60 -3.77 1.93
N GLY A 15 13.83 -3.91 3.03
CA GLY A 15 13.93 -5.03 3.99
C GLY A 15 14.95 -4.80 5.09
N SER A 16 15.72 -3.71 5.03
CA SER A 16 16.68 -3.32 6.08
C SER A 16 15.97 -2.63 7.26
N GLU A 17 16.71 -2.43 8.35
CA GLU A 17 16.20 -1.94 9.65
C GLU A 17 16.87 -0.59 9.98
N TYR A 18 16.07 0.47 10.13
CA TYR A 18 16.54 1.77 10.64
C TYR A 18 16.22 1.82 12.14
N THR A 19 17.22 2.17 12.94
CA THR A 19 17.13 2.32 14.41
C THR A 19 17.34 3.79 14.74
N CYS A 20 16.47 4.37 15.56
CA CYS A 20 16.65 5.74 16.09
C CYS A 20 16.00 5.84 17.47
N ASP A 21 16.15 6.99 18.09
CA ASP A 21 15.63 7.27 19.44
C ASP A 21 14.72 8.46 19.29
N VAL A 22 13.60 8.47 19.98
CA VAL A 22 12.75 9.68 20.12
C VAL A 22 12.40 9.84 21.58
N GLU A 23 12.04 11.04 22.01
CA GLU A 23 11.55 11.28 23.39
C GLU A 23 10.28 10.44 23.61
N LYS A 24 10.14 9.82 24.77
CA LYS A 24 9.09 8.79 25.00
C LYS A 24 7.68 9.39 24.80
N ARG A 25 7.48 10.71 24.93
CA ARG A 25 6.16 11.38 24.75
C ARG A 25 6.02 11.91 23.31
N SER A 26 6.91 11.54 22.42
CA SER A 26 6.91 11.98 21.00
C SER A 26 5.63 11.55 20.27
N ARG A 27 5.14 12.47 19.42
CA ARG A 27 4.04 12.23 18.45
C ARG A 27 4.61 11.46 17.27
N GLY A 28 3.76 10.75 16.52
CA GLY A 28 4.25 9.90 15.41
C GLY A 28 5.04 10.70 14.39
N GLN A 29 4.66 11.97 14.18
CA GLN A 29 5.27 12.80 13.10
C GLN A 29 6.78 12.83 13.31
N VAL A 30 7.20 12.93 14.58
CA VAL A 30 8.64 13.05 14.95
C VAL A 30 9.39 11.88 14.32
N LEU A 31 8.95 10.63 14.58
CA LEU A 31 9.62 9.42 14.05
C LEU A 31 9.51 9.41 12.52
N PHE A 32 8.35 9.68 11.99
CA PHE A 32 8.15 9.69 10.52
C PHE A 32 9.16 10.66 9.86
N ASP A 33 9.31 11.86 10.43
CA ASP A 33 10.23 12.89 9.87
C ASP A 33 11.65 12.31 9.88
N LYS A 34 12.07 11.70 11.00
CA LYS A 34 13.41 11.07 11.09
C LYS A 34 13.54 10.00 9.99
N VAL A 35 12.52 9.16 9.78
CA VAL A 35 12.67 8.06 8.79
C VAL A 35 12.74 8.67 7.39
N CYS A 36 11.89 9.65 7.10
CA CYS A 36 11.88 10.28 5.77
C CYS A 36 13.20 10.99 5.49
N GLU A 37 13.79 11.66 6.48
CA GLU A 37 15.11 12.29 6.28
C GLU A 37 16.14 11.18 5.98
N HIS A 38 16.11 10.08 6.71
CA HIS A 38 17.03 8.95 6.46
C HIS A 38 16.91 8.49 5.00
N LEU A 39 15.69 8.48 4.46
CA LEU A 39 15.39 7.92 3.11
C LEU A 39 15.58 8.96 2.00
N ASN A 40 15.92 10.21 2.37
CA ASN A 40 16.04 11.37 1.44
C ASN A 40 14.72 11.54 0.69
N LEU A 41 13.60 11.44 1.42
CA LEU A 41 12.24 11.47 0.85
C LEU A 41 11.61 12.80 1.19
N LEU A 42 11.28 13.57 0.15
CA LEU A 42 10.63 14.89 0.27
C LEU A 42 9.13 14.79 0.05
N GLU A 43 8.67 13.91 -0.87
CA GLU A 43 7.24 13.75 -1.17
C GLU A 43 6.65 12.79 -0.14
N LYS A 44 6.57 13.23 1.11
CA LYS A 44 6.19 12.39 2.27
C LYS A 44 4.70 12.08 2.36
N ASP A 45 3.85 12.85 1.66
CA ASP A 45 2.38 12.80 1.79
C ASP A 45 1.84 11.40 1.44
N TYR A 46 2.54 10.62 0.61
CA TYR A 46 2.05 9.29 0.15
C TYR A 46 2.37 8.16 1.13
N PHE A 47 3.15 8.43 2.17
CA PHE A 47 3.76 7.37 3.01
C PHE A 47 3.33 7.52 4.47
N GLY A 48 3.64 6.50 5.24
CA GLY A 48 3.40 6.46 6.68
C GLY A 48 4.13 5.31 7.32
N LEU A 49 3.99 5.22 8.63
CA LEU A 49 4.50 4.08 9.42
C LEU A 49 3.32 3.24 9.90
N THR A 50 3.52 1.94 9.92
CA THR A 50 2.57 0.97 10.49
C THR A 50 3.22 0.38 11.71
N TYR A 51 2.36 -0.09 12.61
CA TYR A 51 2.74 -0.95 13.73
C TYR A 51 1.68 -2.04 13.86
N ARG A 52 1.97 -3.02 14.71
CA ARG A 52 1.05 -4.16 14.98
C ARG A 52 0.44 -3.92 16.35
N ASP A 53 -0.88 -4.05 16.49
CA ASP A 53 -1.58 -3.83 17.77
C ASP A 53 -1.54 -5.15 18.54
N ALA A 54 -2.21 -5.17 19.72
CA ALA A 54 -2.20 -6.33 20.66
C ALA A 54 -2.85 -7.53 19.98
N GLU A 55 -3.69 -7.29 18.97
CA GLU A 55 -4.38 -8.36 18.19
C GLU A 55 -3.55 -8.72 16.94
N ASN A 56 -2.33 -8.18 16.81
CA ASN A 56 -1.38 -8.39 15.67
C ASN A 56 -1.99 -7.86 14.35
N GLN A 57 -2.85 -6.85 14.40
CA GLN A 57 -3.39 -6.22 13.19
C GLN A 57 -2.47 -5.03 12.86
N LYS A 58 -2.21 -4.82 11.59
CA LYS A 58 -1.52 -3.61 11.07
C LYS A 58 -2.37 -2.38 11.35
N ASN A 59 -1.77 -1.35 11.93
CA ASN A 59 -2.39 -0.03 12.18
C ASN A 59 -1.47 1.04 11.61
N TRP A 60 -2.03 2.10 11.01
CA TRP A 60 -1.22 3.28 10.69
C TRP A 60 -0.87 3.99 12.00
N LEU A 61 0.38 4.40 12.14
CA LEU A 61 0.79 5.28 13.26
C LEU A 61 0.25 6.67 12.91
N ASP A 62 -0.66 7.19 13.74
CA ASP A 62 -1.19 8.57 13.58
C ASP A 62 -0.11 9.56 13.94
N PRO A 63 0.34 10.39 12.98
CA PRO A 63 1.42 11.33 13.23
C PRO A 63 1.09 12.44 14.23
N ALA A 64 -0.19 12.70 14.45
CA ALA A 64 -0.64 13.74 15.39
C ALA A 64 -0.74 13.23 16.84
N LYS A 65 -0.69 11.92 17.07
CA LYS A 65 -0.95 11.31 18.40
C LYS A 65 0.36 10.78 19.00
N GLU A 66 0.46 10.72 20.31
CA GLU A 66 1.67 10.18 20.96
C GLU A 66 1.89 8.74 20.46
N ILE A 67 3.13 8.39 20.21
CA ILE A 67 3.50 7.01 19.81
C ILE A 67 3.11 6.04 20.93
N LYS A 68 3.43 6.38 22.19
CA LYS A 68 3.14 5.46 23.33
C LYS A 68 1.64 5.17 23.43
N LYS A 69 0.75 6.09 23.07
CA LYS A 69 -0.71 5.86 23.22
C LYS A 69 -1.26 5.06 22.04
N GLN A 70 -0.41 4.71 21.08
CA GLN A 70 -0.81 3.85 19.93
C GLN A 70 -0.19 2.47 20.12
N VAL A 71 1.12 2.37 20.36
CA VAL A 71 1.78 1.05 20.49
C VAL A 71 1.42 0.46 21.87
N ARG A 72 1.08 1.33 22.81
CA ARG A 72 0.54 0.96 24.16
C ARG A 72 1.49 -0.05 24.80
N SER A 73 1.11 -1.32 24.89
CA SER A 73 1.88 -2.36 25.61
C SER A 73 2.87 -3.05 24.66
N GLY A 74 2.83 -2.74 23.35
CA GLY A 74 3.70 -3.41 22.36
C GLY A 74 5.06 -2.76 22.19
N ALA A 75 5.89 -3.42 21.39
CA ALA A 75 7.26 -2.97 21.10
C ALA A 75 7.20 -1.75 20.20
N TRP A 76 8.23 -0.92 20.24
CA TRP A 76 8.34 0.28 19.34
C TRP A 76 9.00 -0.17 18.03
N HIS A 77 8.25 -0.98 17.30
CA HIS A 77 8.68 -1.60 16.04
C HIS A 77 7.66 -1.20 14.99
N PHE A 78 8.13 -0.78 13.83
CA PHE A 78 7.27 -0.13 12.82
C PHE A 78 7.72 -0.60 11.45
N SER A 79 6.90 -0.44 10.43
CA SER A 79 7.32 -0.57 9.02
C SER A 79 7.07 0.76 8.33
N PHE A 80 7.91 1.08 7.36
CA PHE A 80 7.68 2.24 6.49
C PHE A 80 6.94 1.77 5.23
N ASN A 81 5.83 2.40 4.87
CA ASN A 81 4.93 1.87 3.83
C ASN A 81 4.28 3.00 3.05
N VAL A 82 3.82 2.66 1.86
CA VAL A 82 2.97 3.57 1.08
C VAL A 82 1.59 3.55 1.75
N LYS A 83 1.04 4.72 2.04
CA LYS A 83 -0.28 4.89 2.67
C LYS A 83 -1.29 5.23 1.57
N PHE A 84 -0.95 6.16 0.69
CA PHE A 84 -1.83 6.59 -0.41
C PHE A 84 -1.16 6.30 -1.74
N TYR A 85 -1.67 5.34 -2.51
CA TYR A 85 -1.03 4.95 -3.78
C TYR A 85 -1.47 5.95 -4.85
N PRO A 86 -0.57 6.72 -5.46
CA PRO A 86 -1.01 7.73 -6.43
C PRO A 86 -1.56 7.07 -7.68
N PRO A 87 -2.72 7.51 -8.20
CA PRO A 87 -3.28 6.89 -9.38
C PRO A 87 -2.40 7.13 -10.60
N ASP A 88 -1.67 8.23 -10.61
CA ASP A 88 -0.76 8.49 -11.75
C ASP A 88 0.61 8.81 -11.22
N PRO A 89 1.45 7.79 -11.02
CA PRO A 89 2.79 8.01 -10.48
C PRO A 89 3.70 8.91 -11.33
N ALA A 90 3.39 9.08 -12.61
CA ALA A 90 4.17 9.99 -13.48
C ALA A 90 4.07 11.44 -12.98
N GLN A 91 3.01 11.76 -12.22
CA GLN A 91 2.73 13.11 -11.68
C GLN A 91 3.68 13.41 -10.51
N LEU A 92 4.21 12.38 -9.84
CA LEU A 92 5.12 12.61 -8.68
C LEU A 92 6.32 13.44 -9.15
N SER A 93 6.82 14.33 -8.30
CA SER A 93 7.85 15.30 -8.71
C SER A 93 9.23 14.61 -8.72
N GLU A 94 9.46 13.57 -7.89
CA GLU A 94 10.83 13.04 -7.72
C GLU A 94 10.88 11.55 -8.07
N ASP A 95 11.97 11.20 -8.73
CA ASP A 95 12.30 9.81 -9.06
C ASP A 95 12.40 9.02 -7.75
N ILE A 96 12.92 9.60 -6.67
CA ILE A 96 13.13 8.78 -5.43
C ILE A 96 11.78 8.37 -4.87
N THR A 97 10.75 9.18 -5.06
CA THR A 97 9.39 8.86 -4.56
C THR A 97 8.90 7.65 -5.35
N ARG A 98 9.12 7.67 -6.68
CA ARG A 98 8.67 6.55 -7.55
C ARG A 98 9.40 5.25 -7.20
N TYR A 99 10.67 5.37 -6.86
CA TYR A 99 11.53 4.25 -6.38
C TYR A 99 10.89 3.60 -5.14
N TYR A 100 10.58 4.37 -4.11
CA TYR A 100 9.98 3.79 -2.87
C TYR A 100 8.62 3.17 -3.22
N LEU A 101 7.86 3.83 -4.10
CA LEU A 101 6.56 3.26 -4.53
C LEU A 101 6.79 1.91 -5.24
N CYS A 102 7.81 1.78 -6.10
CA CYS A 102 8.21 0.50 -6.73
C CYS A 102 8.52 -0.53 -5.65
N LEU A 103 9.33 -0.16 -4.65
CA LEU A 103 9.69 -1.15 -3.61
C LEU A 103 8.43 -1.65 -2.92
N GLN A 104 7.49 -0.75 -2.60
CA GLN A 104 6.24 -1.15 -1.92
C GLN A 104 5.47 -2.14 -2.81
N LEU A 105 5.33 -1.80 -4.09
CA LEU A 105 4.56 -2.61 -5.01
C LEU A 105 5.19 -3.98 -5.22
N ARG A 106 6.53 -4.05 -5.25
CA ARG A 106 7.22 -5.35 -5.35
C ARG A 106 6.79 -6.23 -4.17
N ASP A 107 6.70 -5.68 -2.95
CA ASP A 107 6.24 -6.45 -1.77
C ASP A 107 4.74 -6.77 -1.89
N ASP A 108 3.94 -5.84 -2.38
CA ASP A 108 2.51 -6.08 -2.64
C ASP A 108 2.37 -7.30 -3.55
N ILE A 109 3.22 -7.39 -4.56
CA ILE A 109 3.13 -8.49 -5.54
C ILE A 109 3.60 -9.80 -4.91
N VAL A 110 4.81 -9.85 -4.33
CA VAL A 110 5.41 -11.11 -3.80
C VAL A 110 4.48 -11.67 -2.71
N SER A 111 3.87 -10.78 -1.93
CA SER A 111 3.02 -11.12 -0.78
C SER A 111 1.67 -11.70 -1.24
N GLY A 112 1.27 -11.43 -2.49
CA GLY A 112 -0.04 -11.82 -3.06
C GLY A 112 -1.14 -10.80 -2.81
N ARG A 113 -0.86 -9.67 -2.15
CA ARG A 113 -1.86 -8.60 -1.94
C ARG A 113 -2.27 -8.00 -3.29
N LEU A 114 -1.38 -8.04 -4.28
CA LEU A 114 -1.62 -7.40 -5.60
C LEU A 114 -1.54 -8.48 -6.65
N PRO A 115 -2.68 -9.11 -7.00
CA PRO A 115 -2.67 -10.22 -7.94
C PRO A 115 -2.27 -9.66 -9.30
N CYS A 116 -1.64 -10.52 -10.08
N CYS A 116 -1.43 -10.43 -10.01
CA CYS A 116 -0.97 -10.14 -11.34
CA CYS A 116 -0.93 -10.15 -11.38
C CYS A 116 -0.87 -11.34 -12.28
C CYS A 116 -1.08 -11.39 -12.26
N SER A 117 -1.18 -11.16 -13.56
CA SER A 117 -1.03 -12.22 -14.60
C SER A 117 0.44 -12.60 -14.72
N PHE A 118 0.68 -13.80 -15.19
CA PHE A 118 2.00 -14.27 -15.60
C PHE A 118 2.78 -13.18 -16.36
N VAL A 119 2.20 -12.68 -17.45
CA VAL A 119 2.92 -11.73 -18.31
C VAL A 119 3.25 -10.46 -17.55
N THR A 120 2.31 -9.93 -16.75
CA THR A 120 2.59 -8.69 -15.99
C THR A 120 3.62 -8.97 -14.91
N LEU A 121 3.59 -10.12 -14.24
CA LEU A 121 4.68 -10.48 -13.29
C LEU A 121 6.05 -10.44 -13.99
N ALA A 122 6.13 -10.99 -15.20
CA ALA A 122 7.40 -11.04 -15.96
C ALA A 122 7.81 -9.64 -16.42
N LEU A 123 6.86 -8.82 -16.86
CA LEU A 123 7.17 -7.45 -17.32
C LEU A 123 7.64 -6.59 -16.15
N LEU A 124 6.92 -6.63 -15.05
CA LEU A 124 7.31 -5.88 -13.82
C LEU A 124 8.71 -6.35 -13.37
N GLY A 125 8.92 -7.67 -13.30
CA GLY A 125 10.22 -8.23 -12.96
C GLY A 125 11.34 -7.71 -13.88
N SER A 126 11.09 -7.71 -15.19
CA SER A 126 12.11 -7.27 -16.18
C SER A 126 12.49 -5.79 -15.97
N TYR A 127 11.56 -4.92 -15.56
CA TYR A 127 11.86 -3.50 -15.29
C TYR A 127 12.69 -3.38 -14.01
N THR A 128 12.33 -4.10 -12.97
CA THR A 128 13.14 -4.14 -11.72
C THR A 128 14.57 -4.57 -12.07
N VAL A 129 14.73 -5.65 -12.81
CA VAL A 129 16.09 -6.16 -13.15
C VAL A 129 16.83 -5.07 -13.94
N GLN A 130 16.17 -4.45 -14.92
CA GLN A 130 16.82 -3.39 -15.73
C GLN A 130 17.25 -2.23 -14.82
N SER A 131 16.36 -1.79 -13.92
N SER A 131 16.37 -1.83 -13.89
CA SER A 131 16.65 -0.66 -13.01
CA SER A 131 16.58 -0.68 -12.98
C SER A 131 17.87 -1.02 -12.15
C SER A 131 17.73 -0.96 -12.02
N GLU A 132 17.88 -2.21 -11.57
CA GLU A 132 18.88 -2.59 -10.54
C GLU A 132 20.19 -3.15 -11.12
N LEU A 133 20.18 -3.90 -12.21
CA LEU A 133 21.45 -4.43 -12.79
C LEU A 133 21.85 -3.67 -14.04
N GLY A 134 20.94 -2.91 -14.66
CA GLY A 134 21.22 -2.29 -15.96
C GLY A 134 20.99 -3.30 -17.08
N ASP A 135 21.72 -3.16 -18.19
CA ASP A 135 21.48 -3.92 -19.43
C ASP A 135 21.69 -5.40 -19.24
N TYR A 136 20.89 -6.20 -19.94
CA TYR A 136 20.99 -7.67 -19.96
C TYR A 136 22.46 -8.05 -20.26
N ASP A 137 22.98 -8.98 -19.48
CA ASP A 137 24.30 -9.61 -19.74
C ASP A 137 24.12 -11.12 -19.74
N PRO A 138 24.42 -11.81 -20.86
CA PRO A 138 24.35 -13.27 -20.92
C PRO A 138 25.33 -14.06 -20.04
N ASP A 139 26.41 -13.40 -19.58
CA ASP A 139 27.50 -14.02 -18.78
C ASP A 139 26.96 -14.39 -17.40
N GLU A 140 25.99 -13.62 -16.89
CA GLU A 140 25.40 -13.78 -15.54
C GLU A 140 24.24 -14.79 -15.59
N CYS A 141 23.68 -15.02 -16.78
CA CYS A 141 22.43 -15.80 -16.99
C CYS A 141 22.62 -16.87 -18.07
N GLY A 142 22.72 -18.14 -17.66
CA GLY A 142 22.66 -19.30 -18.55
C GLY A 142 21.22 -19.74 -18.78
N SER A 143 21.01 -20.87 -19.45
CA SER A 143 19.67 -21.44 -19.74
C SER A 143 19.00 -21.85 -18.42
N ASP A 144 19.78 -21.99 -17.34
CA ASP A 144 19.30 -22.48 -16.02
C ASP A 144 19.33 -21.35 -14.99
N TYR A 145 19.23 -20.08 -15.43
CA TYR A 145 19.27 -18.91 -14.53
C TYR A 145 17.99 -18.78 -13.67
N ILE A 146 18.20 -18.55 -12.37
CA ILE A 146 17.15 -18.11 -11.39
C ILE A 146 17.65 -16.85 -10.64
N SER A 147 16.96 -15.72 -10.82
CA SER A 147 17.33 -14.40 -10.22
C SER A 147 17.20 -14.48 -8.72
N GLU A 148 17.99 -13.65 -8.01
CA GLU A 148 17.90 -13.47 -6.54
C GLU A 148 16.62 -12.71 -6.24
N PHE A 149 16.14 -11.93 -7.23
CA PHE A 149 14.97 -11.05 -7.11
C PHE A 149 13.77 -11.98 -7.01
N ARG A 150 12.97 -11.65 -6.00
CA ARG A 150 11.62 -12.16 -5.74
C ARG A 150 10.69 -11.31 -6.60
N PHE A 151 9.96 -11.99 -7.46
CA PHE A 151 9.06 -11.40 -8.49
C PHE A 151 7.60 -11.73 -8.27
N ALA A 152 7.26 -12.79 -7.51
CA ALA A 152 5.91 -13.36 -7.54
C ALA A 152 5.70 -14.17 -6.28
N PRO A 153 4.44 -14.39 -5.90
CA PRO A 153 4.13 -15.20 -4.74
C PRO A 153 4.65 -16.64 -4.95
N ASN A 154 4.65 -17.10 -6.20
CA ASN A 154 5.13 -18.47 -6.55
C ASN A 154 5.99 -18.37 -7.82
N HIS A 155 7.27 -18.70 -7.68
CA HIS A 155 8.24 -18.61 -8.78
C HIS A 155 8.26 -19.92 -9.55
N THR A 156 8.31 -19.81 -10.86
CA THR A 156 8.46 -20.96 -11.78
C THR A 156 9.62 -20.65 -12.71
N LYS A 157 10.21 -21.71 -13.27
CA LYS A 157 11.30 -21.54 -14.25
C LYS A 157 10.79 -20.74 -15.45
N GLU A 158 9.56 -21.05 -15.89
CA GLU A 158 8.86 -20.32 -16.99
C GLU A 158 8.88 -18.82 -16.70
N LEU A 159 8.57 -18.42 -15.47
CA LEU A 159 8.51 -16.97 -15.11
C LEU A 159 9.92 -16.38 -15.21
N GLU A 160 10.92 -17.08 -14.70
CA GLU A 160 12.32 -16.61 -14.72
C GLU A 160 12.74 -16.39 -16.16
N ASP A 161 12.36 -17.32 -17.04
CA ASP A 161 12.73 -17.28 -18.48
C ASP A 161 12.10 -16.02 -19.11
N LYS A 162 10.85 -15.75 -18.76
CA LYS A 162 10.11 -14.64 -19.41
C LYS A 162 10.68 -13.31 -18.93
N VAL A 163 11.02 -13.21 -17.64
CA VAL A 163 11.73 -12.00 -17.12
C VAL A 163 12.98 -11.72 -17.97
N ILE A 164 13.78 -12.74 -18.22
CA ILE A 164 15.06 -12.58 -18.97
C ILE A 164 14.71 -12.16 -20.40
N GLU A 165 13.71 -12.81 -21.02
CA GLU A 165 13.37 -12.50 -22.44
C GLU A 165 12.99 -11.01 -22.53
N LEU A 166 12.22 -10.50 -21.57
CA LEU A 166 11.79 -9.07 -21.61
C LEU A 166 12.95 -8.17 -21.19
N HIS A 167 13.79 -8.62 -20.28
CA HIS A 167 14.96 -7.83 -19.82
C HIS A 167 15.85 -7.54 -21.06
N LYS A 168 16.00 -8.51 -21.94
CA LYS A 168 16.82 -8.30 -23.16
C LYS A 168 16.27 -7.13 -23.97
N SER A 169 14.95 -6.88 -23.98
CA SER A 169 14.31 -5.86 -24.84
C SER A 169 14.59 -4.47 -24.25
N HIS A 170 15.08 -4.35 -23.02
CA HIS A 170 15.18 -3.05 -22.31
C HIS A 170 16.58 -2.43 -22.38
N ARG A 171 17.44 -2.86 -23.32
CA ARG A 171 18.83 -2.29 -23.41
C ARG A 171 18.77 -0.76 -23.56
N GLY A 172 19.60 -0.05 -22.78
CA GLY A 172 19.76 1.42 -22.81
C GLY A 172 18.84 2.11 -21.83
N MET A 173 17.98 1.33 -21.14
CA MET A 173 16.97 1.92 -20.24
C MET A 173 17.64 2.30 -18.92
N THR A 174 17.40 3.51 -18.45
CA THR A 174 18.00 4.04 -17.21
C THR A 174 17.09 3.64 -16.05
N PRO A 175 17.62 3.64 -14.80
CA PRO A 175 16.81 3.24 -13.65
C PRO A 175 15.50 4.00 -13.52
N ALA A 176 15.51 5.33 -13.59
CA ALA A 176 14.25 6.11 -13.43
C ALA A 176 13.29 5.72 -14.55
N GLU A 177 13.79 5.48 -15.75
CA GLU A 177 12.94 5.15 -16.91
C GLU A 177 12.27 3.76 -16.68
N ALA A 178 13.04 2.79 -16.20
CA ALA A 178 12.55 1.42 -15.95
C ALA A 178 11.51 1.48 -14.81
N GLU A 179 11.79 2.25 -13.78
CA GLU A 179 10.86 2.39 -12.62
C GLU A 179 9.56 3.05 -13.09
N MET A 180 9.65 4.04 -13.99
CA MET A 180 8.42 4.66 -14.52
C MET A 180 7.64 3.62 -15.32
N HIS A 181 8.28 2.79 -16.15
CA HIS A 181 7.57 1.73 -16.88
C HIS A 181 6.93 0.74 -15.89
N PHE A 182 7.67 0.39 -14.86
CA PHE A 182 7.14 -0.55 -13.83
C PHE A 182 5.80 0.03 -13.37
N LEU A 183 5.82 1.29 -12.98
CA LEU A 183 4.65 1.97 -12.42
C LEU A 183 3.51 2.12 -13.44
N GLU A 184 3.79 2.43 -14.70
CA GLU A 184 2.75 2.57 -15.75
C GLU A 184 1.96 1.27 -15.89
N ASN A 185 2.62 0.10 -15.72
CA ASN A 185 1.97 -1.22 -15.75
C ASN A 185 1.25 -1.49 -14.41
N ALA A 186 1.93 -1.27 -13.29
CA ALA A 186 1.39 -1.68 -11.96
C ALA A 186 0.10 -0.93 -11.67
N LYS A 187 0.07 0.35 -12.04
CA LYS A 187 -1.05 1.27 -11.67
C LYS A 187 -2.34 0.77 -12.34
N LYS A 188 -2.25 -0.08 -13.38
CA LYS A 188 -3.45 -0.54 -14.12
C LYS A 188 -4.07 -1.79 -13.50
N LEU A 189 -3.36 -2.46 -12.59
CA LEU A 189 -3.81 -3.75 -12.00
C LEU A 189 -5.07 -3.46 -11.18
N SER A 190 -6.03 -4.35 -11.25
CA SER A 190 -7.38 -4.08 -10.67
C SER A 190 -7.27 -3.91 -9.16
N MET A 191 -6.23 -4.44 -8.49
CA MET A 191 -6.08 -4.32 -7.01
C MET A 191 -4.98 -3.33 -6.64
N TYR A 192 -4.48 -2.53 -7.59
CA TYR A 192 -3.49 -1.45 -7.27
C TYR A 192 -4.04 -0.51 -6.21
N GLY A 193 -3.27 -0.36 -5.12
CA GLY A 193 -3.55 0.57 -4.01
C GLY A 193 -4.86 0.28 -3.29
N VAL A 194 -5.36 -0.96 -3.37
CA VAL A 194 -6.64 -1.33 -2.70
C VAL A 194 -6.30 -1.96 -1.36
N ASP A 195 -6.72 -1.32 -0.28
CA ASP A 195 -6.59 -1.81 1.11
C ASP A 195 -7.84 -2.64 1.39
N LEU A 196 -7.71 -3.97 1.59
CA LEU A 196 -8.86 -4.89 1.79
C LEU A 196 -9.17 -5.12 3.26
N HIS A 197 -10.46 -5.10 3.57
CA HIS A 197 -10.97 -5.30 4.94
C HIS A 197 -12.08 -6.36 4.87
N HIS A 198 -11.89 -7.50 5.53
CA HIS A 198 -12.94 -8.53 5.77
C HIS A 198 -14.16 -7.90 6.47
N ALA A 199 -15.37 -8.18 5.98
CA ALA A 199 -16.63 -7.69 6.57
C ALA A 199 -17.80 -8.60 6.21
N LYS A 200 -18.95 -8.31 6.81
CA LYS A 200 -20.24 -8.93 6.40
C LYS A 200 -21.20 -7.82 6.04
N ASP A 201 -22.09 -8.09 5.08
CA ASP A 201 -23.09 -7.08 4.69
C ASP A 201 -24.20 -7.15 5.73
N SER A 202 -25.22 -6.29 5.58
CA SER A 202 -26.41 -6.19 6.48
C SER A 202 -27.16 -7.51 6.58
N GLU A 203 -26.86 -8.50 5.74
CA GLU A 203 -27.51 -9.84 5.74
C GLU A 203 -26.60 -10.92 6.35
N GLY A 204 -25.34 -10.62 6.67
CA GLY A 204 -24.39 -11.61 7.20
C GLY A 204 -23.54 -12.31 6.14
N VAL A 205 -23.63 -11.94 4.85
CA VAL A 205 -22.81 -12.60 3.79
C VAL A 205 -21.41 -11.98 3.85
N GLU A 206 -20.38 -12.82 3.81
CA GLU A 206 -18.97 -12.42 3.89
C GLU A 206 -18.62 -11.68 2.61
N ILE A 207 -18.08 -10.48 2.78
CA ILE A 207 -17.60 -9.61 1.67
C ILE A 207 -16.21 -9.11 2.04
N MET A 208 -15.55 -8.46 1.08
CA MET A 208 -14.35 -7.63 1.32
C MET A 208 -14.73 -6.19 0.99
N LEU A 209 -14.27 -5.26 1.80
CA LEU A 209 -14.37 -3.83 1.47
C LEU A 209 -12.97 -3.36 1.04
N GLY A 210 -12.83 -2.72 -0.12
CA GLY A 210 -11.51 -2.21 -0.55
C GLY A 210 -11.51 -0.71 -0.45
N VAL A 211 -10.47 -0.14 0.13
CA VAL A 211 -10.32 1.32 0.25
C VAL A 211 -9.22 1.74 -0.73
N CYS A 212 -9.54 2.71 -1.58
CA CYS A 212 -8.56 3.16 -2.59
C CYS A 212 -8.90 4.55 -3.05
N ALA A 213 -8.09 5.07 -3.97
CA ALA A 213 -8.22 6.45 -4.45
C ALA A 213 -9.63 6.68 -5.01
N SER A 214 -10.20 5.69 -5.69
CA SER A 214 -11.43 5.90 -6.50
C SER A 214 -12.67 5.66 -5.62
N GLY A 215 -12.50 5.17 -4.40
CA GLY A 215 -13.64 5.14 -3.48
C GLY A 215 -13.63 3.92 -2.59
N LEU A 216 -14.81 3.50 -2.18
CA LEU A 216 -14.97 2.26 -1.40
C LEU A 216 -15.54 1.19 -2.32
N LEU A 217 -14.85 0.07 -2.42
CA LEU A 217 -15.23 -1.05 -3.30
C LEU A 217 -15.83 -2.14 -2.42
N ILE A 218 -16.89 -2.77 -2.88
CA ILE A 218 -17.49 -3.95 -2.22
C ILE A 218 -17.28 -5.13 -3.15
N TYR A 219 -16.60 -6.16 -2.67
CA TYR A 219 -16.46 -7.47 -3.36
C TYR A 219 -17.41 -8.48 -2.70
N ARG A 220 -18.72 -8.36 -3.00
CA ARG A 220 -19.79 -9.21 -2.41
C ARG A 220 -19.57 -10.66 -2.83
N ASP A 221 -18.96 -10.87 -4.00
CA ASP A 221 -18.37 -12.16 -4.44
C ASP A 221 -16.86 -12.08 -4.21
N ARG A 222 -16.09 -12.92 -4.91
CA ARG A 222 -14.62 -12.81 -5.04
C ARG A 222 -14.31 -11.64 -5.98
N LEU A 223 -15.23 -11.38 -6.92
CA LEU A 223 -15.19 -10.26 -7.89
C LEU A 223 -15.80 -9.01 -7.26
N ARG A 224 -15.37 -7.82 -7.70
CA ARG A 224 -16.02 -6.52 -7.38
C ARG A 224 -17.53 -6.64 -7.68
N ILE A 225 -18.39 -5.95 -6.92
CA ILE A 225 -19.87 -6.05 -7.07
C ILE A 225 -20.51 -4.69 -6.80
N ASN A 226 -19.74 -3.72 -6.30
CA ASN A 226 -20.24 -2.34 -6.02
C ASN A 226 -19.03 -1.43 -5.77
N ARG A 227 -19.16 -0.16 -6.16
CA ARG A 227 -18.17 0.90 -5.85
C ARG A 227 -18.90 2.20 -5.50
N PHE A 228 -18.41 2.88 -4.46
CA PHE A 228 -18.92 4.19 -3.99
C PHE A 228 -17.75 5.16 -4.15
N ALA A 229 -17.80 5.97 -5.19
CA ALA A 229 -16.80 7.03 -5.46
C ALA A 229 -16.80 7.96 -4.25
N TRP A 230 -15.64 8.43 -3.82
CA TRP A 230 -15.57 9.27 -2.61
C TRP A 230 -16.54 10.45 -2.69
N PRO A 231 -16.66 11.17 -3.82
CA PRO A 231 -17.53 12.35 -3.86
C PRO A 231 -18.96 12.01 -3.38
N LYS A 232 -19.45 10.78 -3.64
CA LYS A 232 -20.83 10.34 -3.29
C LYS A 232 -20.97 10.06 -1.78
N VAL A 233 -19.90 10.14 -0.99
CA VAL A 233 -19.91 9.74 0.46
C VAL A 233 -19.85 11.01 1.30
N LEU A 234 -20.90 11.30 2.08
CA LEU A 234 -20.96 12.54 2.90
C LEU A 234 -20.48 12.27 4.33
N LYS A 235 -20.67 11.05 4.82
CA LYS A 235 -20.36 10.71 6.22
C LYS A 235 -19.93 9.26 6.31
N ILE A 236 -18.83 9.08 7.02
CA ILE A 236 -18.29 7.74 7.39
C ILE A 236 -18.38 7.68 8.90
N SER A 237 -18.95 6.60 9.43
CA SER A 237 -19.19 6.45 10.88
C SER A 237 -19.00 4.99 11.27
N TYR A 238 -18.74 4.76 12.54
CA TYR A 238 -18.71 3.41 13.12
C TYR A 238 -19.42 3.45 14.48
N LYS A 239 -19.95 2.31 14.89
CA LYS A 239 -20.61 2.10 16.20
C LYS A 239 -20.49 0.60 16.51
N ARG A 240 -19.98 0.27 17.71
CA ARG A 240 -19.70 -1.13 18.13
C ARG A 240 -18.96 -1.83 16.98
N ASN A 241 -19.50 -2.93 16.43
CA ASN A 241 -18.77 -3.73 15.41
C ASN A 241 -19.20 -3.31 13.99
N ASN A 242 -19.91 -2.20 13.87
CA ASN A 242 -20.58 -1.81 12.61
C ASN A 242 -19.90 -0.59 12.01
N PHE A 243 -19.88 -0.57 10.68
CA PHE A 243 -19.32 0.52 9.87
C PHE A 243 -20.45 0.97 8.94
N TYR A 244 -20.62 2.29 8.78
CA TYR A 244 -21.70 2.94 7.98
C TYR A 244 -21.15 4.00 7.03
N ILE A 245 -21.66 4.03 5.80
CA ILE A 245 -21.41 5.17 4.88
C ILE A 245 -22.74 5.86 4.54
N LYS A 246 -22.77 7.18 4.66
CA LYS A 246 -23.95 8.01 4.27
C LYS A 246 -23.71 8.47 2.83
N ILE A 247 -24.51 7.92 1.91
CA ILE A 247 -24.52 8.27 0.45
C ILE A 247 -25.35 9.55 0.22
N ARG A 248 -24.88 10.41 -0.69
CA ARG A 248 -25.59 11.62 -1.16
C ARG A 248 -26.92 11.16 -1.78
N PRO A 249 -28.04 11.91 -1.67
CA PRO A 249 -29.24 11.59 -2.45
C PRO A 249 -28.90 11.67 -3.95
N GLY A 250 -29.29 10.64 -4.72
CA GLY A 250 -29.34 10.70 -6.19
C GLY A 250 -30.25 11.83 -6.67
N GLU A 251 -30.08 12.27 -7.92
CA GLU A 251 -30.91 13.38 -8.46
C GLU A 251 -32.38 13.05 -8.24
N PHE A 252 -33.15 14.02 -7.78
CA PHE A 252 -34.64 13.92 -7.62
C PHE A 252 -35.01 12.93 -6.51
N GLU A 253 -34.04 12.41 -5.75
CA GLU A 253 -34.34 11.50 -4.62
C GLU A 253 -34.50 12.38 -3.37
N GLN A 254 -35.44 12.03 -2.48
CA GLN A 254 -35.76 12.91 -1.33
C GLN A 254 -34.70 12.72 -0.23
N PHE A 255 -34.15 11.50 -0.08
CA PHE A 255 -33.36 11.11 1.13
C PHE A 255 -32.00 10.54 0.72
N GLU A 256 -31.01 10.91 1.53
CA GLU A 256 -29.67 10.27 1.63
C GLU A 256 -29.92 8.79 1.88
N SER A 257 -28.96 7.91 1.58
CA SER A 257 -29.10 6.47 1.93
C SER A 257 -27.88 6.06 2.78
N THR A 258 -28.11 5.27 3.83
CA THR A 258 -27.07 4.88 4.82
C THR A 258 -26.78 3.40 4.58
N ILE A 259 -25.52 2.98 4.40
CA ILE A 259 -25.23 1.54 4.13
C ILE A 259 -24.32 1.00 5.24
N GLY A 260 -24.66 -0.17 5.76
CA GLY A 260 -24.15 -0.73 7.02
C GLY A 260 -23.42 -2.04 6.81
N PHE A 261 -22.28 -2.21 7.46
CA PHE A 261 -21.49 -3.47 7.41
C PHE A 261 -21.06 -3.89 8.81
N LYS A 262 -20.90 -5.18 9.00
CA LYS A 262 -20.44 -5.79 10.26
C LYS A 262 -18.95 -6.10 10.15
N LEU A 263 -18.14 -5.58 11.05
CA LEU A 263 -16.69 -5.88 11.04
C LEU A 263 -16.39 -6.92 12.12
N PRO A 264 -15.23 -7.61 12.01
CA PRO A 264 -14.85 -8.68 12.93
C PRO A 264 -14.96 -8.28 14.42
N ASN A 265 -14.68 -7.01 14.73
CA ASN A 265 -14.71 -6.47 16.11
C ASN A 265 -14.70 -4.96 16.04
N HIS A 266 -14.79 -4.31 17.18
CA HIS A 266 -14.91 -2.85 17.28
C HIS A 266 -13.63 -2.17 16.74
N ARG A 267 -12.47 -2.79 16.99
CA ARG A 267 -11.17 -2.18 16.58
C ARG A 267 -11.12 -2.19 15.06
N ALA A 268 -11.64 -3.25 14.43
CA ALA A 268 -11.61 -3.40 12.97
C ALA A 268 -12.58 -2.41 12.32
N ALA A 269 -13.72 -2.12 12.96
CA ALA A 269 -14.67 -1.09 12.49
C ALA A 269 -13.99 0.30 12.59
N LYS A 270 -13.33 0.63 13.70
CA LYS A 270 -12.67 1.94 13.90
C LYS A 270 -11.55 2.12 12.85
N ARG A 271 -10.71 1.11 12.68
CA ARG A 271 -9.59 1.12 11.70
C ARG A 271 -10.12 1.38 10.28
N LEU A 272 -11.22 0.70 9.91
CA LEU A 272 -11.78 0.87 8.55
C LEU A 272 -12.32 2.30 8.42
N TRP A 273 -13.05 2.80 9.42
CA TRP A 273 -13.55 4.19 9.43
C TRP A 273 -12.37 5.15 9.21
N LYS A 274 -11.27 4.99 9.95
CA LYS A 274 -10.17 5.99 9.93
C LYS A 274 -9.50 5.99 8.55
N VAL A 275 -9.23 4.82 7.97
CA VAL A 275 -8.56 4.77 6.64
C VAL A 275 -9.51 5.32 5.57
N CYS A 276 -10.82 5.11 5.67
CA CYS A 276 -11.79 5.68 4.72
C CYS A 276 -11.79 7.20 4.82
N VAL A 277 -11.93 7.76 6.02
CA VAL A 277 -11.86 9.24 6.25
C VAL A 277 -10.58 9.77 5.64
N GLU A 278 -9.44 9.12 5.90
CA GLU A 278 -8.14 9.60 5.41
C GLU A 278 -8.09 9.56 3.88
N HIS A 279 -8.50 8.45 3.24
CA HIS A 279 -8.58 8.37 1.76
C HIS A 279 -9.49 9.46 1.24
N HIS A 280 -10.66 9.63 1.85
CA HIS A 280 -11.68 10.62 1.39
C HIS A 280 -11.05 12.01 1.36
N THR A 281 -10.35 12.37 2.42
CA THR A 281 -9.67 13.69 2.53
C THR A 281 -8.53 13.78 1.51
N PHE A 282 -7.70 12.76 1.44
CA PHE A 282 -6.48 12.81 0.61
C PHE A 282 -6.89 13.00 -0.85
N PHE A 283 -7.82 12.16 -1.30
CA PHE A 283 -8.16 12.07 -2.74
C PHE A 283 -9.15 13.19 -3.15
N ARG A 284 -9.82 13.82 -2.18
CA ARG A 284 -10.59 15.08 -2.40
C ARG A 284 -9.62 16.23 -2.74
N LEU A 285 -8.40 16.21 -2.16
CA LEU A 285 -7.42 17.33 -2.33
C LEU A 285 -6.44 17.10 -3.47
N LEU A 286 -6.02 15.84 -3.69
CA LEU A 286 -4.90 15.46 -4.57
C LEU A 286 -5.02 16.26 -5.87
N1 ONQ B . 3.05 9.74 9.58
C4 ONQ B . -1.67 11.19 6.62
C5 ONQ B . -1.27 12.09 5.61
C6 ONQ B . -2.23 12.78 4.87
C7 ONQ B . -0.68 10.44 7.43
C8 ONQ B . 1.61 9.48 7.61
O2 ONQ B . -0.97 10.05 8.56
N ONQ B . 0.57 10.22 6.89
C9 ONQ B . 2.38 10.37 8.57
O1 ONQ B . 2.42 11.62 8.43
C3 ONQ B . -3.02 11.01 6.91
C2 ONQ B . -3.98 11.70 6.17
C1 ONQ B . -3.57 12.56 5.13
O ONQ B . -4.52 13.14 4.29
C ONQ B . -5.91 12.84 4.48
S DMS C . 9.73 -5.28 3.74
O DMS C . 9.03 -4.64 2.57
C1 DMS C . 8.62 -6.55 4.33
C2 DMS C . 10.96 -6.35 3.03
S DMS D . -8.88 0.55 -9.18
O DMS D . -8.56 -0.31 -10.36
C1 DMS D . -7.66 0.18 -7.96
C2 DMS D . -10.28 -0.22 -8.39
C1 EDO E . 14.06 14.73 -9.99
O1 EDO E . 13.88 13.45 -9.42
C2 EDO E . 13.64 14.78 -11.40
O2 EDO E . 12.43 14.08 -11.68
C1 EDO F . 1.26 -3.68 3.70
O1 EDO F . 2.58 -4.04 4.06
C2 EDO F . 1.13 -2.23 3.47
O2 EDO F . 0.87 -1.48 4.65
C1 EDO G . -5.08 -7.88 1.18
O1 EDO G . -4.89 -7.92 2.57
C2 EDO G . -4.72 -6.56 0.57
O2 EDO G . -5.25 -5.41 1.23
C1 EDO H . 13.66 -9.38 -3.62
O1 EDO H . 14.75 -10.03 -4.20
C2 EDO H . 12.96 -8.54 -4.62
O2 EDO H . 11.57 -8.30 -4.42
C1 EDO I . -9.17 -6.67 23.84
O1 EDO I . -8.13 -7.15 24.71
C2 EDO I . -8.69 -5.88 22.66
O2 EDO I . -9.27 -4.57 22.52
C1 EDO J . -1.97 -3.21 -0.88
O1 EDO J . -1.10 -3.63 0.13
C2 EDO J . -2.64 -1.94 -0.53
O2 EDO J . -2.78 -1.85 0.88
#